data_8XJJ
#
_entry.id   8XJJ
#
_cell.length_a   40.760
_cell.length_b   83.850
_cell.length_c   179.020
_cell.angle_alpha   90.00
_cell.angle_beta   90.00
_cell.angle_gamma   90.00
#
_symmetry.space_group_name_H-M   'P 21 21 21'
#
loop_
_entity.id
_entity.type
_entity.pdbx_description
1 polymer 'Son of sevenless homolog 1'
2 non-polymer 5-[4-[[(1~{R})-1-[3-[bis(fluoranyl)methyl]-2-fluoranyl-phenyl]ethyl]amino]-2-methyl-6-morpholin-4-yl-7-oxidanylidene-pyrido[4,3-d]pyrimidin-8-yl]pyridine-2-carbonitrile
3 non-polymer 1,2-ETHANEDIOL
4 water water
#
_entity_poly.entity_id   1
_entity_poly.type   'polypeptide(L)'
_entity_poly.pdbx_seq_one_letter_code
;GAMAEEQMRLPSADVYRFAEPDSEENIIFEENMQPKAGIPIIKAGTVIKLIERLTYHMYADPNFVRTFLTTYRSFCKPQE
LLSLIIERFEIPEPEPTEADRIAIENGDQPLSAELKRFRKEYIQPVQLRVLNVCRHWVEHHFYDFERDAYLLQRMEEFIG
TVRGKAMKKWVESITKIIQRKKIARDNGPGHNITFQSSPPTVEWHISRPGHIETFDLLTLHPIEIARQLTLLESDLYRAV
QPSELVGSVWTKEDKEINSPNLLKMIRHTTNLTLWFEKCIVETENLEERVAVVSRIIEILQVFQELNNFNGVLEVVSAMN
SSPVYRLDHTFEQIPSRQKKILEEAHELSEDHYKKYLAKLRSINPPCVPFFGIYLTNILKTEEGNPEVLKRHGKELINFS
KRRKVAEITGEIQQYQNQPYCLRVESDIKRFFENLNPMGNSMEKEFTDYLFNKSLEIEPRNPKPLPRFPKKYSYPLKSPG
VRPSNPRPGTMRHPTPLQQEPRKISYSRIPESETESTASAPNSPRTPLTPPPASGASSTTDVCSVFDSDHSSPFHSSNDT
VFIQVTLPHGPRSASVSSISLTKGTDEVPV
;
_entity_poly.pdbx_strand_id   A
#
# COMPACT_ATOMS: atom_id res chain seq x y z
N ALA A 2 -33.12 33.31 8.02
CA ALA A 2 -34.05 32.52 7.19
C ALA A 2 -33.57 31.07 7.16
N MET A 3 -32.30 30.86 6.82
CA MET A 3 -31.71 29.50 6.83
C MET A 3 -31.74 28.98 8.26
N ALA A 4 -31.84 29.88 9.24
CA ALA A 4 -32.02 29.38 10.61
C ALA A 4 -33.27 28.50 10.59
N GLU A 5 -34.25 28.83 9.74
CA GLU A 5 -35.42 27.90 9.64
C GLU A 5 -34.97 26.48 9.25
N GLU A 6 -33.83 26.35 8.56
CA GLU A 6 -33.29 25.04 8.08
C GLU A 6 -32.79 24.21 9.26
N GLN A 7 -32.09 24.84 10.22
CA GLN A 7 -31.40 24.17 11.36
C GLN A 7 -32.38 23.91 12.52
N MET A 8 -33.50 24.63 12.59
CA MET A 8 -34.55 24.40 13.63
C MET A 8 -35.44 23.21 13.20
N ARG A 9 -35.39 22.79 11.92
CA ARG A 9 -36.04 21.54 11.40
C ARG A 9 -35.14 20.32 11.64
N LEU A 10 -33.94 20.49 12.23
CA LEU A 10 -32.98 19.40 12.57
C LEU A 10 -33.05 19.16 14.06
N PRO A 11 -32.69 17.96 14.57
CA PRO A 11 -32.79 17.69 16.01
C PRO A 11 -31.91 18.66 16.82
N SER A 12 -32.15 18.76 18.12
CA SER A 12 -31.34 19.58 19.06
C SER A 12 -30.06 18.81 19.46
N ALA A 13 -29.02 19.54 19.85
CA ALA A 13 -27.69 18.99 20.22
C ALA A 13 -27.76 18.08 21.46
N ASP A 14 -28.79 18.18 22.31
CA ASP A 14 -28.95 17.34 23.54
C ASP A 14 -29.55 15.94 23.22
N VAL A 15 -30.16 15.73 22.04
CA VAL A 15 -30.74 14.40 21.65
C VAL A 15 -30.02 13.82 20.42
N TYR A 16 -29.08 14.53 19.79
CA TYR A 16 -28.42 14.10 18.52
C TYR A 16 -27.20 14.98 18.22
N ARG A 17 -26.05 14.37 17.97
CA ARG A 17 -24.75 15.07 17.92
C ARG A 17 -24.35 15.53 16.50
N PHE A 18 -25.03 15.10 15.44
CA PHE A 18 -24.57 15.30 14.03
C PHE A 18 -25.39 16.34 13.25
N ALA A 19 -26.02 17.31 13.93
CA ALA A 19 -26.82 18.39 13.30
C ALA A 19 -26.48 19.77 13.88
N GLU A 20 -25.34 19.94 14.56
CA GLU A 20 -24.89 21.29 14.98
C GLU A 20 -24.52 22.00 13.68
N PRO A 21 -24.79 23.31 13.53
CA PRO A 21 -24.51 23.97 12.25
C PRO A 21 -23.00 23.98 11.91
N ASP A 22 -22.67 23.92 10.62
CA ASP A 22 -21.28 24.10 10.10
C ASP A 22 -20.79 25.46 10.58
N SER A 23 -19.56 25.53 11.10
CA SER A 23 -18.89 26.80 11.46
C SER A 23 -17.40 26.70 11.11
N GLU A 24 -16.72 27.84 10.98
CA GLU A 24 -15.25 27.89 10.71
C GLU A 24 -14.49 27.15 11.81
N GLU A 25 -15.12 26.86 12.95
CA GLU A 25 -14.39 26.17 14.04
C GLU A 25 -14.78 24.69 14.12
N ASN A 26 -15.49 24.12 13.13
CA ASN A 26 -15.72 22.63 13.15
C ASN A 26 -15.54 21.96 11.78
N ILE A 27 -15.53 22.71 10.66
CA ILE A 27 -15.37 22.18 9.28
C ILE A 27 -14.82 23.27 8.35
N ILE A 28 -13.87 22.90 7.49
CA ILE A 28 -13.20 23.80 6.51
C ILE A 28 -13.13 23.06 5.18
N PHE A 29 -13.37 23.79 4.09
CA PHE A 29 -13.31 23.30 2.69
C PHE A 29 -12.24 24.10 1.95
N GLU A 30 -11.89 23.64 0.74
CA GLU A 30 -10.84 24.26 -0.10
C GLU A 30 -11.46 25.28 -1.06
N GLU A 31 -10.67 26.28 -1.44
CA GLU A 31 -10.90 27.12 -2.65
C GLU A 31 -9.62 27.91 -2.92
N LYS A 36 -16.31 26.62 -9.16
CA LYS A 36 -17.31 25.53 -9.36
C LYS A 36 -18.60 25.83 -8.57
N ALA A 37 -19.60 24.97 -8.71
CA ALA A 37 -20.78 24.88 -7.82
C ALA A 37 -21.27 23.42 -7.76
N GLY A 38 -20.33 22.47 -7.73
CA GLY A 38 -20.52 21.04 -7.40
C GLY A 38 -19.95 20.72 -6.03
N ILE A 39 -19.85 19.44 -5.66
CA ILE A 39 -19.57 18.94 -4.27
C ILE A 39 -18.34 19.66 -3.72
N PRO A 40 -18.34 20.21 -2.48
CA PRO A 40 -17.15 20.87 -1.94
C PRO A 40 -16.13 19.83 -1.43
N ILE A 41 -14.87 20.23 -1.34
CA ILE A 41 -13.75 19.35 -0.91
C ILE A 41 -13.48 19.68 0.56
N ILE A 42 -13.71 18.73 1.45
CA ILE A 42 -13.44 18.90 2.91
C ILE A 42 -11.94 18.91 3.11
N LYS A 43 -11.44 19.92 3.79
CA LYS A 43 -10.01 20.16 4.07
C LYS A 43 -9.70 19.71 5.49
N ALA A 44 -10.55 20.08 6.46
CA ALA A 44 -10.41 19.70 7.88
C ALA A 44 -11.76 19.71 8.58
N GLY A 45 -11.84 19.05 9.73
CA GLY A 45 -13.05 19.01 10.56
C GLY A 45 -12.85 18.17 11.81
N THR A 46 -13.78 18.30 12.74
CA THR A 46 -13.91 17.40 13.89
C THR A 46 -14.34 16.03 13.35
N VAL A 47 -14.07 14.95 14.07
CA VAL A 47 -14.44 13.59 13.61
C VAL A 47 -15.96 13.54 13.49
N ILE A 48 -16.69 14.27 14.35
CA ILE A 48 -18.18 14.37 14.30
C ILE A 48 -18.61 14.98 12.94
N LYS A 49 -17.98 16.06 12.50
CA LYS A 49 -18.30 16.71 11.20
C LYS A 49 -17.87 15.81 10.03
N LEU A 50 -16.77 15.07 10.17
CA LEU A 50 -16.31 14.12 9.12
C LEU A 50 -17.34 13.00 8.96
N ILE A 51 -17.84 12.47 10.06
CA ILE A 51 -18.93 11.45 10.04
C ILE A 51 -20.17 12.04 9.41
N GLU A 52 -20.54 13.27 9.75
CA GLU A 52 -21.77 13.93 9.25
C GLU A 52 -21.69 13.99 7.72
N ARG A 53 -20.55 14.44 7.20
CA ARG A 53 -20.33 14.61 5.73
C ARG A 53 -20.09 13.26 5.04
N LEU A 54 -19.57 12.27 5.76
CA LEU A 54 -19.40 10.88 5.25
C LEU A 54 -20.78 10.32 4.87
N THR A 55 -21.80 10.78 5.60
CA THR A 55 -23.18 10.23 5.54
C THR A 55 -24.17 11.37 5.27
N TYR A 56 -23.77 12.34 4.44
CA TYR A 56 -24.51 13.61 4.22
C TYR A 56 -25.80 13.33 3.45
N HIS A 57 -26.91 13.95 3.85
CA HIS A 57 -28.26 13.63 3.30
C HIS A 57 -28.38 14.10 1.85
N MET A 58 -27.83 15.28 1.53
CA MET A 58 -28.06 16.02 0.26
C MET A 58 -27.56 15.25 -0.97
N TYR A 59 -26.39 14.60 -0.93
CA TYR A 59 -25.85 13.86 -2.11
C TYR A 59 -24.96 12.71 -1.66
N ALA A 60 -24.88 11.67 -2.50
CA ALA A 60 -23.78 10.68 -2.51
C ALA A 60 -22.43 11.39 -2.75
N ASP A 61 -21.36 10.84 -2.19
CA ASP A 61 -19.99 11.41 -2.25
C ASP A 61 -19.01 10.24 -2.26
N PRO A 62 -18.89 9.49 -3.37
CA PRO A 62 -18.16 8.22 -3.36
C PRO A 62 -16.65 8.44 -3.16
N ASN A 63 -16.13 9.60 -3.52
CA ASN A 63 -14.68 9.93 -3.36
C ASN A 63 -14.31 10.16 -1.89
N PHE A 64 -15.19 10.80 -1.14
CA PHE A 64 -14.94 11.07 0.29
C PHE A 64 -15.10 9.74 1.03
N VAL A 65 -16.12 8.96 0.67
CA VAL A 65 -16.35 7.62 1.28
C VAL A 65 -15.07 6.80 1.08
N ARG A 66 -14.58 6.72 -0.17
CA ARG A 66 -13.38 5.91 -0.50
C ARG A 66 -12.18 6.41 0.31
N THR A 67 -11.95 7.70 0.30
CA THR A 67 -10.74 8.33 0.90
C THR A 67 -10.86 8.19 2.42
N PHE A 68 -12.07 8.38 2.95
CA PHE A 68 -12.32 8.30 4.41
C PHE A 68 -11.98 6.89 4.86
N LEU A 69 -12.45 5.87 4.13
CA LEU A 69 -12.36 4.48 4.63
C LEU A 69 -10.96 3.93 4.38
N THR A 70 -10.20 4.55 3.48
CA THR A 70 -8.73 4.29 3.35
C THR A 70 -7.92 4.87 4.49
N THR A 71 -8.23 6.09 4.94
CA THR A 71 -7.31 6.89 5.77
C THR A 71 -7.78 7.00 7.23
N TYR A 72 -9.01 6.59 7.58
CA TYR A 72 -9.62 6.97 8.88
C TYR A 72 -8.79 6.43 10.06
N ARG A 73 -8.02 5.37 9.90
CA ARG A 73 -7.36 4.70 11.05
C ARG A 73 -6.25 5.63 11.57
N SER A 74 -5.85 6.61 10.76
CA SER A 74 -4.88 7.65 11.17
C SER A 74 -5.51 8.64 12.18
N PHE A 75 -6.83 8.68 12.34
CA PHE A 75 -7.45 9.65 13.29
C PHE A 75 -8.58 9.01 14.11
N CYS A 76 -8.88 7.73 13.92
CA CYS A 76 -10.10 7.13 14.53
C CYS A 76 -9.96 5.61 14.52
N LYS A 77 -10.21 4.96 15.66
CA LYS A 77 -10.22 3.48 15.74
C LYS A 77 -11.42 2.90 14.99
N PRO A 78 -11.26 1.71 14.38
CA PRO A 78 -12.37 0.98 13.77
C PRO A 78 -13.60 0.81 14.69
N GLN A 79 -13.39 0.45 15.97
CA GLN A 79 -14.46 0.29 16.98
C GLN A 79 -15.18 1.64 17.17
N GLU A 80 -14.42 2.75 17.26
CA GLU A 80 -15.00 4.09 17.45
C GLU A 80 -15.81 4.46 16.20
N LEU A 81 -15.30 4.15 15.00
CA LEU A 81 -15.98 4.50 13.72
C LEU A 81 -17.33 3.81 13.68
N LEU A 82 -17.38 2.52 14.03
CA LEU A 82 -18.65 1.76 14.01
C LEU A 82 -19.62 2.39 15.02
N SER A 83 -19.16 2.77 16.22
CA SER A 83 -19.96 3.43 17.29
C SER A 83 -20.55 4.75 16.77
N LEU A 84 -19.75 5.55 16.09
CA LEU A 84 -20.17 6.86 15.56
C LEU A 84 -21.21 6.66 14.44
N ILE A 85 -21.04 5.69 13.52
CA ILE A 85 -21.99 5.60 12.37
C ILE A 85 -23.32 4.99 12.85
N ILE A 86 -23.27 4.09 13.83
CA ILE A 86 -24.50 3.56 14.49
C ILE A 86 -25.23 4.71 15.16
N GLU A 87 -24.50 5.58 15.86
CA GLU A 87 -25.07 6.77 16.53
C GLU A 87 -25.65 7.69 15.46
N ARG A 88 -24.92 7.93 14.36
CA ARG A 88 -25.41 8.79 13.24
C ARG A 88 -26.78 8.26 12.75
N PHE A 89 -26.92 6.95 12.68
CA PHE A 89 -28.10 6.24 12.13
C PHE A 89 -29.36 6.49 12.97
N GLU A 90 -29.19 6.56 14.30
CA GLU A 90 -30.29 6.66 15.30
C GLU A 90 -30.74 8.12 15.41
N ILE A 91 -31.60 8.55 14.49
CA ILE A 91 -32.04 9.96 14.39
C ILE A 91 -33.37 10.12 15.10
N PRO A 92 -33.51 11.03 16.10
CA PRO A 92 -34.80 11.26 16.74
C PRO A 92 -35.73 12.04 15.78
N GLU A 93 -37.02 11.71 15.82
CA GLU A 93 -38.10 12.36 15.04
C GLU A 93 -38.56 13.60 15.78
N PRO A 94 -38.98 14.69 15.08
CA PRO A 94 -39.45 15.89 15.75
C PRO A 94 -40.80 15.56 16.42
N GLU A 95 -41.10 16.27 17.50
CA GLU A 95 -42.41 16.31 18.20
C GLU A 95 -43.52 16.69 17.22
N PRO A 96 -44.76 16.21 17.44
CA PRO A 96 -45.91 16.66 16.63
C PRO A 96 -46.16 18.15 16.86
N THR A 97 -46.66 18.85 15.83
CA THR A 97 -47.18 20.24 15.90
C THR A 97 -48.33 20.26 16.93
N GLU A 98 -48.66 21.44 17.44
CA GLU A 98 -49.74 21.64 18.45
C GLU A 98 -51.04 21.03 17.93
N ALA A 99 -51.48 21.41 16.73
CA ALA A 99 -52.72 20.89 16.11
C ALA A 99 -52.66 19.37 16.02
N ASP A 100 -51.52 18.78 15.67
CA ASP A 100 -51.45 17.30 15.49
C ASP A 100 -51.44 16.61 16.88
N ARG A 101 -50.80 17.24 17.87
CA ARG A 101 -50.77 16.86 19.32
C ARG A 101 -52.20 16.67 19.83
N ILE A 102 -52.99 17.74 19.75
CA ILE A 102 -54.45 17.79 20.06
C ILE A 102 -55.13 16.61 19.35
N ALA A 103 -55.02 16.51 18.03
CA ALA A 103 -55.67 15.45 17.22
C ALA A 103 -55.30 14.06 17.76
N ILE A 104 -54.02 13.86 18.14
CA ILE A 104 -53.48 12.52 18.52
C ILE A 104 -54.21 12.03 19.79
N GLU A 105 -54.40 12.90 20.78
CA GLU A 105 -55.06 12.57 22.08
C GLU A 105 -56.59 12.57 21.96
N ASN A 106 -57.14 12.84 20.77
CA ASN A 106 -58.57 12.62 20.42
C ASN A 106 -58.69 11.31 19.63
N GLY A 107 -57.58 10.58 19.48
CA GLY A 107 -57.55 9.31 18.75
C GLY A 107 -57.76 9.52 17.27
N ASP A 108 -57.51 10.74 16.79
CA ASP A 108 -57.68 11.17 15.38
C ASP A 108 -56.31 11.14 14.68
N GLN A 109 -56.32 11.02 13.34
CA GLN A 109 -55.10 10.98 12.48
C GLN A 109 -54.46 12.36 12.45
N PRO A 110 -53.16 12.48 12.82
CA PRO A 110 -52.43 13.74 12.66
C PRO A 110 -52.07 13.91 11.18
N LEU A 111 -51.89 15.14 10.74
CA LEU A 111 -51.44 15.45 9.36
C LEU A 111 -49.95 15.07 9.24
N SER A 112 -49.13 15.44 10.22
CA SER A 112 -47.68 15.09 10.34
C SER A 112 -46.93 15.54 9.10
N ALA A 113 -47.20 16.74 8.55
CA ALA A 113 -46.58 17.21 7.27
C ALA A 113 -45.05 17.26 7.42
N GLU A 114 -44.55 17.99 8.41
CA GLU A 114 -43.11 18.18 8.68
C GLU A 114 -42.48 16.82 9.03
N LEU A 115 -43.11 16.05 9.94
CA LEU A 115 -42.61 14.72 10.39
C LEU A 115 -42.36 13.87 9.13
N LYS A 116 -43.34 13.78 8.23
CA LYS A 116 -43.24 12.96 6.99
C LYS A 116 -42.09 13.49 6.12
N ARG A 117 -41.96 14.82 6.03
CA ARG A 117 -40.89 15.46 5.18
C ARG A 117 -39.51 15.14 5.79
N PHE A 118 -39.39 15.16 7.10
CA PHE A 118 -38.09 15.00 7.79
C PHE A 118 -37.62 13.57 7.57
N ARG A 119 -38.56 12.63 7.68
CA ARG A 119 -38.33 11.20 7.43
C ARG A 119 -37.81 11.01 5.98
N LYS A 120 -38.52 11.57 5.00
CA LYS A 120 -38.22 11.35 3.57
C LYS A 120 -36.91 12.03 3.17
N GLU A 121 -36.64 13.23 3.71
CA GLU A 121 -35.59 14.15 3.17
C GLU A 121 -34.36 14.14 4.07
N TYR A 122 -34.43 13.59 5.29
CA TYR A 122 -33.28 13.57 6.22
C TYR A 122 -33.00 12.16 6.72
N ILE A 123 -33.97 11.48 7.32
CA ILE A 123 -33.69 10.23 8.05
C ILE A 123 -33.39 9.12 7.06
N GLN A 124 -34.34 8.79 6.21
CA GLN A 124 -34.17 7.75 5.17
C GLN A 124 -32.81 7.96 4.48
N PRO A 125 -32.51 9.12 3.85
CA PRO A 125 -31.23 9.27 3.13
C PRO A 125 -30.01 9.09 4.05
N VAL A 126 -29.99 9.71 5.22
CA VAL A 126 -28.83 9.53 6.14
C VAL A 126 -28.66 8.04 6.41
N GLN A 127 -29.75 7.35 6.74
CA GLN A 127 -29.73 5.91 7.06
C GLN A 127 -29.17 5.13 5.84
N LEU A 128 -29.55 5.50 4.62
CA LEU A 128 -29.07 4.83 3.39
C LEU A 128 -27.57 5.12 3.22
N ARG A 129 -27.13 6.32 3.60
CA ARG A 129 -25.70 6.70 3.53
C ARG A 129 -24.95 5.82 4.54
N VAL A 130 -25.51 5.61 5.74
CA VAL A 130 -24.83 4.74 6.75
C VAL A 130 -24.71 3.31 6.20
N LEU A 131 -25.73 2.75 5.53
CA LEU A 131 -25.63 1.34 5.03
C LEU A 131 -24.62 1.29 3.87
N ASN A 132 -24.54 2.35 3.10
CA ASN A 132 -23.57 2.49 1.99
C ASN A 132 -22.14 2.48 2.55
N VAL A 133 -21.89 3.24 3.61
CA VAL A 133 -20.58 3.23 4.32
C VAL A 133 -20.27 1.82 4.81
N CYS A 134 -21.22 1.14 5.45
CA CYS A 134 -21.06 -0.23 5.97
C CYS A 134 -20.66 -1.17 4.83
N ARG A 135 -21.29 -1.05 3.66
CA ARG A 135 -21.02 -1.95 2.51
C ARG A 135 -19.60 -1.77 1.96
N HIS A 136 -19.23 -0.53 1.67
CA HIS A 136 -17.87 -0.12 1.24
C HIS A 136 -16.86 -0.64 2.26
N TRP A 137 -17.19 -0.53 3.53
CA TRP A 137 -16.26 -0.90 4.62
C TRP A 137 -15.99 -2.41 4.55
N VAL A 138 -17.03 -3.25 4.42
CA VAL A 138 -16.86 -4.73 4.41
C VAL A 138 -16.34 -5.16 3.04
N GLU A 139 -16.70 -4.47 1.96
CA GLU A 139 -16.21 -4.88 0.60
C GLU A 139 -14.72 -4.60 0.47
N HIS A 140 -14.28 -3.39 0.83
CA HIS A 140 -12.93 -2.84 0.48
C HIS A 140 -11.96 -2.89 1.66
N HIS A 141 -12.42 -3.11 2.89
CA HIS A 141 -11.55 -3.08 4.09
C HIS A 141 -11.93 -4.22 5.04
N PHE A 142 -12.17 -5.42 4.50
CA PHE A 142 -12.69 -6.53 5.33
C PHE A 142 -11.66 -6.92 6.38
N TYR A 143 -10.39 -6.64 6.12
CA TYR A 143 -9.26 -6.92 7.04
C TYR A 143 -9.56 -6.33 8.42
N ASP A 144 -10.25 -5.18 8.48
CA ASP A 144 -10.66 -4.58 9.77
C ASP A 144 -11.41 -5.65 10.57
N PHE A 145 -12.31 -6.38 9.93
CA PHE A 145 -13.22 -7.38 10.54
C PHE A 145 -12.48 -8.71 10.76
N GLU A 146 -11.53 -9.07 9.89
CA GLU A 146 -10.63 -10.25 10.11
C GLU A 146 -9.73 -10.00 11.31
N ARG A 147 -9.22 -8.79 11.51
CA ARG A 147 -8.32 -8.47 12.65
C ARG A 147 -9.15 -8.34 13.95
N ASP A 148 -10.46 -8.08 13.87
CA ASP A 148 -11.31 -7.80 15.07
C ASP A 148 -12.66 -8.52 14.91
N ALA A 149 -12.73 -9.74 15.45
CA ALA A 149 -13.92 -10.61 15.42
C ALA A 149 -15.06 -9.91 16.15
N TYR A 150 -14.76 -9.16 17.23
CA TYR A 150 -15.74 -8.36 18.00
C TYR A 150 -16.36 -7.24 17.13
N LEU A 151 -15.55 -6.43 16.41
CA LEU A 151 -16.05 -5.47 15.39
C LEU A 151 -17.01 -6.18 14.44
N LEU A 152 -16.65 -7.35 13.89
CA LEU A 152 -17.56 -8.05 12.95
C LEU A 152 -18.87 -8.44 13.67
N GLN A 153 -18.79 -8.82 14.95
CA GLN A 153 -20.02 -9.19 15.72
C GLN A 153 -20.91 -7.95 15.83
N ARG A 154 -20.34 -6.78 16.11
CA ARG A 154 -21.13 -5.51 16.27
C ARG A 154 -21.82 -5.13 14.96
N MET A 155 -21.08 -5.25 13.85
CA MET A 155 -21.54 -4.88 12.49
C MET A 155 -22.74 -5.76 12.15
N GLU A 156 -22.65 -7.07 12.42
CA GLU A 156 -23.71 -8.05 12.07
C GLU A 156 -24.95 -7.82 12.92
N GLU A 157 -24.81 -7.62 14.23
CA GLU A 157 -25.99 -7.29 15.07
C GLU A 157 -26.61 -6.01 14.52
N PHE A 158 -25.82 -4.96 14.24
CA PHE A 158 -26.37 -3.65 13.78
C PHE A 158 -27.18 -3.89 12.51
N ILE A 159 -26.54 -4.47 11.50
CA ILE A 159 -27.13 -4.75 10.15
C ILE A 159 -28.35 -5.67 10.31
N GLY A 160 -28.26 -6.64 11.21
CA GLY A 160 -29.30 -7.67 11.37
C GLY A 160 -30.55 -7.14 12.07
N THR A 161 -30.51 -5.94 12.65
CA THR A 161 -31.63 -5.36 13.41
C THR A 161 -32.15 -4.12 12.70
N VAL A 162 -31.67 -3.81 11.49
CA VAL A 162 -32.21 -2.66 10.72
C VAL A 162 -33.63 -3.01 10.28
N ARG A 163 -34.62 -2.14 10.54
CA ARG A 163 -36.05 -2.37 10.19
C ARG A 163 -36.37 -1.67 8.85
N GLY A 164 -37.48 -2.06 8.21
CA GLY A 164 -37.95 -1.48 6.94
C GLY A 164 -37.61 -2.38 5.77
N LYS A 165 -38.53 -2.55 4.82
CA LYS A 165 -38.26 -3.26 3.53
C LYS A 165 -37.50 -2.29 2.61
N ALA A 166 -37.61 -0.98 2.83
CA ALA A 166 -36.83 0.10 2.14
C ALA A 166 -35.31 -0.13 2.28
N MET A 167 -34.86 -0.88 3.28
CA MET A 167 -33.41 -1.10 3.60
C MET A 167 -33.11 -2.60 3.69
N LYS A 168 -34.11 -3.44 3.43
CA LYS A 168 -33.94 -4.90 3.29
C LYS A 168 -32.83 -5.18 2.26
N LYS A 169 -32.89 -4.51 1.10
CA LYS A 169 -32.01 -4.75 -0.07
C LYS A 169 -30.56 -4.49 0.34
N TRP A 170 -30.33 -3.30 0.86
CA TRP A 170 -29.00 -2.88 1.33
C TRP A 170 -28.48 -3.91 2.33
N VAL A 171 -29.34 -4.34 3.25
CA VAL A 171 -28.94 -5.28 4.33
C VAL A 171 -28.54 -6.62 3.71
N GLU A 172 -29.33 -7.13 2.76
CA GLU A 172 -29.07 -8.47 2.18
C GLU A 172 -27.73 -8.40 1.43
N SER A 173 -27.51 -7.31 0.71
CA SER A 173 -26.27 -7.03 -0.07
C SER A 173 -25.03 -7.12 0.86
N ILE A 174 -25.01 -6.36 1.98
CA ILE A 174 -23.88 -6.32 2.95
C ILE A 174 -23.63 -7.75 3.48
N THR A 175 -24.70 -8.46 3.85
CA THR A 175 -24.65 -9.82 4.44
C THR A 175 -24.04 -10.75 3.39
N LYS A 176 -24.37 -10.57 2.11
CA LYS A 176 -23.78 -11.35 0.99
C LYS A 176 -22.25 -11.15 1.01
N ILE A 177 -21.83 -9.89 0.92
CA ILE A 177 -20.38 -9.53 0.94
C ILE A 177 -19.74 -10.14 2.19
N ILE A 178 -20.35 -10.03 3.37
CA ILE A 178 -19.69 -10.59 4.59
C ILE A 178 -19.51 -12.10 4.40
N GLN A 179 -20.53 -12.77 3.85
CA GLN A 179 -20.48 -14.25 3.65
C GLN A 179 -19.46 -14.61 2.56
N ARG A 180 -19.41 -13.92 1.40
CA ARG A 180 -18.35 -14.20 0.38
C ARG A 180 -16.96 -14.12 1.05
N LYS A 181 -16.69 -13.03 1.78
CA LYS A 181 -15.36 -12.76 2.42
C LYS A 181 -15.01 -13.91 3.34
N LYS A 182 -15.92 -14.32 4.22
CA LYS A 182 -15.63 -15.39 5.22
C LYS A 182 -15.30 -16.69 4.49
N ILE A 183 -16.01 -16.95 3.39
CA ILE A 183 -15.92 -18.20 2.56
C ILE A 183 -14.51 -18.28 1.96
N ALA A 184 -13.96 -17.17 1.46
CA ALA A 184 -12.57 -17.07 0.95
C ALA A 184 -11.58 -17.46 2.06
N ARG A 185 -11.08 -18.70 2.02
CA ARG A 185 -10.22 -19.31 3.06
C ARG A 185 -9.47 -20.51 2.46
N ASP A 186 -8.55 -20.24 1.52
CA ASP A 186 -7.96 -21.27 0.60
C ASP A 186 -6.44 -21.06 0.50
N THR A 194 -6.13 -17.47 -14.91
CA THR A 194 -4.78 -17.96 -15.31
C THR A 194 -4.70 -18.03 -16.85
N PHE A 195 -3.75 -17.30 -17.43
CA PHE A 195 -3.09 -17.52 -18.75
C PHE A 195 -4.03 -17.30 -19.94
N GLN A 196 -3.43 -16.87 -21.04
CA GLN A 196 -4.03 -16.79 -22.39
C GLN A 196 -3.02 -17.37 -23.40
N SER A 197 -1.72 -17.14 -23.18
CA SER A 197 -0.58 -17.82 -23.85
C SER A 197 -0.05 -18.93 -22.93
N SER A 198 0.88 -19.72 -23.46
CA SER A 198 1.81 -20.55 -22.65
C SER A 198 2.97 -19.67 -22.16
N PRO A 199 3.48 -19.96 -20.95
CA PRO A 199 4.70 -19.33 -20.43
C PRO A 199 5.93 -19.94 -21.11
N PRO A 200 7.08 -19.22 -21.20
CA PRO A 200 8.33 -19.86 -21.65
C PRO A 200 8.83 -20.96 -20.69
N THR A 201 9.75 -21.78 -21.19
CA THR A 201 10.40 -22.88 -20.43
C THR A 201 11.22 -22.30 -19.27
N VAL A 202 11.18 -22.97 -18.13
CA VAL A 202 12.04 -22.71 -16.95
C VAL A 202 13.50 -22.96 -17.34
N GLU A 203 14.36 -21.95 -17.22
CA GLU A 203 15.79 -22.03 -17.64
C GLU A 203 16.62 -22.54 -16.46
N TRP A 204 17.60 -23.42 -16.76
CA TRP A 204 18.58 -23.97 -15.79
C TRP A 204 19.97 -23.82 -16.39
N HIS A 205 20.97 -23.90 -15.51
CA HIS A 205 22.41 -23.73 -15.79
C HIS A 205 23.11 -24.89 -15.05
N ILE A 206 23.94 -24.62 -14.05
CA ILE A 206 24.78 -25.66 -13.39
C ILE A 206 23.85 -26.47 -12.47
N SER A 207 23.05 -25.80 -11.63
CA SER A 207 21.96 -26.44 -10.83
C SER A 207 20.94 -27.05 -11.80
N ARG A 208 20.51 -28.29 -11.55
CA ARG A 208 19.46 -28.97 -12.36
C ARG A 208 18.21 -29.07 -11.50
N PRO A 209 17.00 -29.17 -12.13
CA PRO A 209 15.75 -29.26 -11.40
C PRO A 209 15.92 -30.13 -10.16
N GLY A 210 15.47 -29.65 -9.01
CA GLY A 210 15.37 -30.45 -7.77
C GLY A 210 16.64 -30.38 -6.95
N HIS A 211 17.79 -30.20 -7.60
CA HIS A 211 19.11 -30.20 -6.93
C HIS A 211 19.24 -28.87 -6.17
N ILE A 212 18.48 -28.68 -5.08
CA ILE A 212 18.29 -27.36 -4.41
C ILE A 212 19.59 -26.98 -3.69
N GLU A 213 20.34 -27.99 -3.25
CA GLU A 213 21.59 -27.81 -2.46
C GLU A 213 22.59 -27.01 -3.31
N THR A 214 22.50 -27.05 -4.65
CA THR A 214 23.46 -26.41 -5.59
C THR A 214 22.97 -25.01 -6.04
N PHE A 215 21.82 -24.55 -5.53
CA PHE A 215 21.20 -23.24 -5.85
C PHE A 215 22.05 -22.11 -5.26
N ASP A 216 22.53 -21.20 -6.13
CA ASP A 216 23.26 -19.97 -5.71
C ASP A 216 23.21 -18.94 -6.84
N LEU A 217 23.84 -17.78 -6.63
CA LEU A 217 23.79 -16.63 -7.59
C LEU A 217 24.28 -17.11 -8.96
N LEU A 218 25.44 -17.80 -8.99
CA LEU A 218 26.12 -18.19 -10.25
C LEU A 218 25.65 -19.57 -10.77
N THR A 219 24.98 -20.39 -9.96
CA THR A 219 24.59 -21.79 -10.35
C THR A 219 23.18 -21.85 -10.94
N LEU A 220 22.28 -20.98 -10.49
CA LEU A 220 20.95 -20.83 -11.13
C LEU A 220 21.13 -20.08 -12.46
N HIS A 221 20.18 -20.18 -13.37
CA HIS A 221 20.21 -19.38 -14.63
C HIS A 221 19.85 -17.94 -14.28
N PRO A 222 20.63 -16.93 -14.69
CA PRO A 222 20.28 -15.53 -14.47
C PRO A 222 18.91 -15.14 -15.02
N ILE A 223 18.49 -15.76 -16.12
CA ILE A 223 17.15 -15.48 -16.70
C ILE A 223 16.12 -15.86 -15.64
N GLU A 224 16.31 -17.01 -15.00
CA GLU A 224 15.28 -17.64 -14.14
C GLU A 224 15.36 -17.03 -12.74
N ILE A 225 16.54 -16.55 -12.29
CA ILE A 225 16.62 -15.70 -11.08
C ILE A 225 15.67 -14.50 -11.28
N ALA A 226 15.79 -13.78 -12.42
CA ALA A 226 15.07 -12.53 -12.69
C ALA A 226 13.56 -12.80 -12.80
N ARG A 227 13.21 -13.98 -13.34
CA ARG A 227 11.80 -14.37 -13.58
C ARG A 227 11.11 -14.62 -12.24
N GLN A 228 11.75 -15.42 -11.40
CA GLN A 228 11.21 -15.88 -10.10
C GLN A 228 11.19 -14.70 -9.11
N LEU A 229 12.21 -13.82 -9.17
CA LEU A 229 12.23 -12.63 -8.30
C LEU A 229 11.13 -11.71 -8.81
N THR A 230 10.88 -11.67 -10.12
CA THR A 230 9.78 -10.82 -10.65
C THR A 230 8.42 -11.36 -10.17
N LEU A 231 8.21 -12.68 -10.18
CA LEU A 231 6.91 -13.27 -9.73
C LEU A 231 6.76 -12.97 -8.25
N LEU A 232 7.80 -13.19 -7.44
CA LEU A 232 7.73 -13.05 -5.96
C LEU A 232 7.46 -11.58 -5.62
N GLU A 233 8.08 -10.66 -6.35
CA GLU A 233 7.94 -9.19 -6.16
C GLU A 233 6.57 -8.72 -6.67
N SER A 234 6.07 -9.29 -7.77
CA SER A 234 4.71 -9.01 -8.31
C SER A 234 3.67 -9.26 -7.21
N ASP A 235 3.70 -10.44 -6.60
CA ASP A 235 2.77 -10.88 -5.53
C ASP A 235 2.93 -9.95 -4.33
N LEU A 236 4.16 -9.67 -3.87
CA LEU A 236 4.35 -8.78 -2.70
C LEU A 236 3.77 -7.38 -3.00
N TYR A 237 3.98 -6.82 -4.21
CA TYR A 237 3.48 -5.48 -4.61
C TYR A 237 1.95 -5.50 -4.50
N ARG A 238 1.35 -6.60 -4.98
CA ARG A 238 -0.11 -6.73 -5.17
C ARG A 238 -0.80 -6.91 -3.81
N ALA A 239 -0.13 -7.47 -2.80
CA ALA A 239 -0.76 -7.76 -1.48
C ALA A 239 -0.85 -6.49 -0.61
N VAL A 240 -0.21 -5.38 -0.99
CA VAL A 240 -0.15 -4.16 -0.11
C VAL A 240 -1.46 -3.39 -0.19
N GLN A 241 -2.15 -3.22 0.93
CA GLN A 241 -3.42 -2.44 1.00
C GLN A 241 -3.05 -0.98 1.28
N PRO A 242 -3.68 0.00 0.61
CA PRO A 242 -3.38 1.41 0.89
C PRO A 242 -3.34 1.79 2.37
N SER A 243 -4.24 1.26 3.20
CA SER A 243 -4.27 1.63 4.65
C SER A 243 -2.96 1.24 5.32
N GLU A 244 -2.19 0.28 4.78
CA GLU A 244 -0.88 -0.11 5.38
C GLU A 244 0.13 1.05 5.29
N LEU A 245 -0.15 2.07 4.46
CA LEU A 245 0.76 3.21 4.16
C LEU A 245 0.32 4.52 4.82
N VAL A 246 -0.88 4.62 5.40
CA VAL A 246 -1.38 5.90 5.99
C VAL A 246 -0.87 6.08 7.43
N GLY A 247 -0.64 7.33 7.83
CA GLY A 247 -0.19 7.71 9.18
C GLY A 247 1.05 6.92 9.61
N SER A 248 1.96 6.63 8.67
CA SER A 248 3.27 5.95 8.89
C SER A 248 3.14 4.71 9.80
N VAL A 249 2.04 3.95 9.75
CA VAL A 249 1.72 2.88 10.75
C VAL A 249 2.74 1.73 10.66
N TRP A 250 3.54 1.68 9.58
CA TRP A 250 4.57 0.63 9.35
C TRP A 250 5.85 1.01 10.10
N THR A 251 5.94 2.25 10.59
CA THR A 251 7.10 2.77 11.36
C THR A 251 6.72 2.99 12.83
N LYS A 252 5.56 2.47 13.28
CA LYS A 252 5.05 2.65 14.67
C LYS A 252 4.73 1.29 15.31
N GLU A 253 4.25 1.34 16.55
CA GLU A 253 4.29 0.20 17.52
C GLU A 253 3.57 -1.03 16.98
N ASP A 254 2.37 -0.89 16.40
CA ASP A 254 1.52 -2.05 15.98
C ASP A 254 1.79 -2.46 14.52
N LYS A 255 2.94 -2.06 13.96
CA LYS A 255 3.34 -2.24 12.54
C LYS A 255 2.96 -3.62 11.98
N GLU A 256 3.17 -4.72 12.73
CA GLU A 256 3.10 -6.12 12.22
C GLU A 256 1.65 -6.48 11.92
N ILE A 257 0.73 -5.86 12.69
CA ILE A 257 -0.75 -6.06 12.62
C ILE A 257 -1.33 -5.17 11.50
N ASN A 258 -0.87 -3.92 11.43
CA ASN A 258 -1.45 -2.85 10.56
C ASN A 258 -0.85 -2.84 9.15
N SER A 259 0.41 -3.27 8.99
CA SER A 259 1.18 -3.13 7.73
C SER A 259 1.92 -4.43 7.37
N PRO A 260 1.30 -5.63 7.49
CA PRO A 260 2.03 -6.88 7.32
C PRO A 260 2.52 -7.09 5.88
N ASN A 261 1.74 -6.70 4.87
CA ASN A 261 2.12 -6.87 3.44
C ASN A 261 3.24 -5.88 3.11
N LEU A 262 3.17 -4.65 3.62
CA LEU A 262 4.21 -3.62 3.39
C LEU A 262 5.54 -4.08 4.00
N LEU A 263 5.56 -4.51 5.26
CA LEU A 263 6.80 -4.98 5.92
C LEU A 263 7.42 -6.16 5.18
N LYS A 264 6.61 -7.07 4.65
CA LYS A 264 7.10 -8.21 3.85
C LYS A 264 7.83 -7.65 2.63
N MET A 265 7.27 -6.64 1.96
CA MET A 265 7.83 -6.02 0.73
C MET A 265 9.17 -5.33 1.08
N ILE A 266 9.20 -4.54 2.14
CA ILE A 266 10.42 -3.81 2.60
C ILE A 266 11.48 -4.83 2.99
N ARG A 267 11.09 -5.90 3.67
CA ARG A 267 12.07 -6.89 4.19
C ARG A 267 12.66 -7.71 3.03
N HIS A 268 11.87 -8.07 2.03
CA HIS A 268 12.39 -8.70 0.80
C HIS A 268 13.41 -7.72 0.15
N THR A 269 13.06 -6.46 -0.03
CA THR A 269 13.93 -5.45 -0.70
C THR A 269 15.27 -5.36 0.04
N THR A 270 15.22 -5.21 1.37
CA THR A 270 16.40 -5.17 2.26
C THR A 270 17.23 -6.44 2.04
N ASN A 271 16.59 -7.62 2.09
CA ASN A 271 17.30 -8.92 2.03
C ASN A 271 17.89 -9.17 0.64
N LEU A 272 17.20 -8.84 -0.43
CA LEU A 272 17.75 -9.11 -1.78
C LEU A 272 18.96 -8.16 -1.99
N THR A 273 18.78 -6.88 -1.71
CA THR A 273 19.82 -5.84 -1.87
C THR A 273 21.06 -6.28 -1.09
N LEU A 274 20.90 -6.64 0.18
CA LEU A 274 22.05 -6.95 1.07
C LEU A 274 22.70 -8.25 0.59
N TRP A 275 21.90 -9.19 0.08
CA TRP A 275 22.41 -10.49 -0.44
C TRP A 275 23.31 -10.27 -1.67
N PHE A 276 22.90 -9.39 -2.57
CA PHE A 276 23.72 -8.99 -3.74
C PHE A 276 25.06 -8.44 -3.25
N GLU A 277 25.03 -7.51 -2.28
CA GLU A 277 26.26 -6.87 -1.75
C GLU A 277 27.16 -7.94 -1.13
N LYS A 278 26.51 -8.90 -0.44
CA LYS A 278 27.18 -9.98 0.31
C LYS A 278 27.86 -10.90 -0.69
N CYS A 279 27.15 -11.32 -1.74
CA CYS A 279 27.69 -12.14 -2.84
C CYS A 279 28.94 -11.45 -3.42
N ILE A 280 28.91 -10.12 -3.54
CA ILE A 280 30.02 -9.31 -4.16
C ILE A 280 31.22 -9.31 -3.19
N VAL A 281 31.09 -8.72 -2.01
CA VAL A 281 32.27 -8.40 -1.14
C VAL A 281 32.83 -9.69 -0.53
N GLU A 282 32.06 -10.78 -0.48
CA GLU A 282 32.52 -12.08 0.08
C GLU A 282 33.19 -12.91 -1.02
N THR A 283 33.19 -12.47 -2.28
CA THR A 283 34.05 -13.08 -3.33
C THR A 283 35.37 -12.28 -3.36
N GLU A 284 36.37 -12.67 -2.57
CA GLU A 284 37.61 -11.86 -2.42
C GLU A 284 38.49 -11.90 -3.67
N ASN A 285 38.49 -13.00 -4.39
CA ASN A 285 39.24 -13.13 -5.66
C ASN A 285 38.65 -12.18 -6.71
N LEU A 286 39.50 -11.32 -7.26
CA LEU A 286 39.11 -10.18 -8.13
C LEU A 286 38.40 -10.72 -9.39
N GLU A 287 39.01 -11.67 -10.08
CA GLU A 287 38.43 -12.30 -11.31
C GLU A 287 37.05 -12.89 -10.98
N GLU A 288 36.88 -13.55 -9.84
CA GLU A 288 35.57 -14.20 -9.49
C GLU A 288 34.52 -13.11 -9.15
N ARG A 289 34.95 -12.04 -8.49
CA ARG A 289 34.09 -10.89 -8.09
C ARG A 289 33.55 -10.18 -9.33
N VAL A 290 34.41 -9.92 -10.31
CA VAL A 290 33.98 -9.40 -11.64
C VAL A 290 32.88 -10.30 -12.18
N ALA A 291 33.02 -11.63 -12.05
CA ALA A 291 32.00 -12.55 -12.61
C ALA A 291 30.69 -12.33 -11.85
N VAL A 292 30.78 -12.14 -10.53
CA VAL A 292 29.56 -11.98 -9.68
C VAL A 292 28.86 -10.66 -10.06
N VAL A 293 29.61 -9.56 -10.17
CA VAL A 293 29.03 -8.23 -10.53
C VAL A 293 28.36 -8.36 -11.90
N SER A 294 29.04 -9.01 -12.83
CA SER A 294 28.61 -9.10 -14.23
C SER A 294 27.31 -9.93 -14.31
N ARG A 295 27.20 -11.00 -13.52
CA ARG A 295 25.97 -11.82 -13.45
C ARG A 295 24.83 -10.97 -12.87
N ILE A 296 25.10 -10.20 -11.80
CA ILE A 296 24.06 -9.34 -11.19
C ILE A 296 23.61 -8.30 -12.24
N ILE A 297 24.53 -7.79 -13.06
CA ILE A 297 24.14 -6.83 -14.13
C ILE A 297 23.21 -7.52 -15.14
N GLU A 298 23.46 -8.80 -15.49
CA GLU A 298 22.59 -9.54 -16.45
C GLU A 298 21.21 -9.78 -15.83
N ILE A 299 21.15 -10.06 -14.52
CA ILE A 299 19.87 -10.20 -13.77
C ILE A 299 19.11 -8.90 -13.90
N LEU A 300 19.81 -7.78 -13.77
CA LEU A 300 19.17 -6.45 -13.96
C LEU A 300 18.62 -6.40 -15.39
N GLN A 301 19.40 -6.82 -16.38
CA GLN A 301 19.01 -6.74 -17.82
C GLN A 301 17.69 -7.47 -18.00
N VAL A 302 17.51 -8.61 -17.34
CA VAL A 302 16.24 -9.40 -17.48
C VAL A 302 15.13 -8.68 -16.68
N PHE A 303 15.43 -8.09 -15.53
CA PHE A 303 14.43 -7.25 -14.80
C PHE A 303 13.87 -6.21 -15.76
N GLN A 304 14.74 -5.49 -16.48
CA GLN A 304 14.33 -4.44 -17.46
C GLN A 304 13.43 -5.05 -18.52
N GLU A 305 13.82 -6.21 -19.06
CA GLU A 305 13.08 -6.93 -20.13
C GLU A 305 11.64 -7.09 -19.65
N LEU A 306 11.49 -7.49 -18.38
CA LEU A 306 10.22 -7.84 -17.70
C LEU A 306 9.51 -6.60 -17.14
N ASN A 307 10.06 -5.39 -17.32
CA ASN A 307 9.55 -4.14 -16.70
C ASN A 307 9.37 -4.33 -15.17
N ASN A 308 10.24 -5.10 -14.52
CA ASN A 308 10.32 -5.15 -13.05
C ASN A 308 11.24 -4.03 -12.58
N PHE A 309 10.71 -2.82 -12.53
CA PHE A 309 11.47 -1.61 -12.08
C PHE A 309 11.91 -1.77 -10.62
N ASN A 310 11.12 -2.48 -9.80
CA ASN A 310 11.44 -2.72 -8.37
C ASN A 310 12.79 -3.42 -8.33
N GLY A 311 12.90 -4.52 -9.07
CA GLY A 311 14.11 -5.33 -9.15
C GLY A 311 15.30 -4.53 -9.70
N VAL A 312 15.05 -3.74 -10.73
CA VAL A 312 16.09 -2.88 -11.38
C VAL A 312 16.68 -1.97 -10.31
N LEU A 313 15.83 -1.33 -9.51
CA LEU A 313 16.32 -0.33 -8.51
C LEU A 313 16.87 -1.03 -7.27
N GLU A 314 16.50 -2.29 -7.03
CA GLU A 314 17.20 -3.13 -6.03
C GLU A 314 18.63 -3.40 -6.49
N VAL A 315 18.85 -3.66 -7.78
CA VAL A 315 20.23 -3.89 -8.27
C VAL A 315 20.97 -2.56 -8.21
N VAL A 316 20.34 -1.47 -8.63
CA VAL A 316 20.97 -0.13 -8.54
C VAL A 316 21.40 0.17 -7.07
N SER A 317 20.53 0.00 -6.08
CA SER A 317 20.85 0.25 -4.64
C SER A 317 22.08 -0.56 -4.24
N ALA A 318 22.12 -1.85 -4.59
CA ALA A 318 23.24 -2.75 -4.27
C ALA A 318 24.55 -2.16 -4.82
N MET A 319 24.54 -1.73 -6.07
CA MET A 319 25.78 -1.31 -6.79
C MET A 319 26.19 0.08 -6.28
N ASN A 320 25.21 0.87 -5.82
CA ASN A 320 25.44 2.22 -5.26
C ASN A 320 25.78 2.18 -3.77
N SER A 321 25.74 1.00 -3.15
CA SER A 321 26.01 0.83 -1.69
C SER A 321 27.48 1.13 -1.40
N SER A 322 27.74 1.75 -0.24
CA SER A 322 29.09 2.22 0.20
C SER A 322 30.11 1.09 0.07
N PRO A 323 29.79 -0.18 0.38
CA PRO A 323 30.73 -1.28 0.15
C PRO A 323 31.04 -1.64 -1.30
N VAL A 324 30.13 -1.38 -2.24
CA VAL A 324 30.24 -1.96 -3.62
C VAL A 324 30.79 -0.89 -4.56
N TYR A 325 30.24 0.32 -4.46
CA TYR A 325 30.51 1.46 -5.36
C TYR A 325 32.01 1.80 -5.37
N ARG A 326 32.70 1.59 -4.25
CA ARG A 326 34.13 1.95 -4.09
C ARG A 326 35.01 0.90 -4.77
N LEU A 327 34.49 -0.24 -5.25
CA LEU A 327 35.33 -1.32 -5.83
C LEU A 327 35.84 -0.93 -7.23
N ASP A 328 36.76 0.05 -7.30
CA ASP A 328 37.40 0.52 -8.55
C ASP A 328 38.01 -0.66 -9.32
N HIS A 329 38.69 -1.62 -8.66
CA HIS A 329 39.42 -2.70 -9.37
C HIS A 329 38.41 -3.66 -10.03
N THR A 330 37.22 -3.80 -9.45
CA THR A 330 36.18 -4.70 -9.97
C THR A 330 35.55 -4.04 -11.20
N PHE A 331 35.06 -2.81 -11.08
CA PHE A 331 34.31 -2.12 -12.16
C PHE A 331 35.26 -1.82 -13.32
N GLU A 332 36.54 -1.64 -13.05
CA GLU A 332 37.59 -1.52 -14.11
C GLU A 332 37.42 -2.68 -15.11
N GLN A 333 37.12 -3.91 -14.67
CA GLN A 333 37.08 -5.09 -15.57
C GLN A 333 35.68 -5.31 -16.15
N ILE A 334 34.70 -4.48 -15.84
CA ILE A 334 33.33 -4.69 -16.37
C ILE A 334 33.28 -4.11 -17.78
N PRO A 335 32.92 -4.90 -18.81
CA PRO A 335 32.90 -4.39 -20.18
C PRO A 335 32.03 -3.14 -20.22
N SER A 336 32.43 -2.19 -21.06
CA SER A 336 31.71 -0.93 -21.37
C SER A 336 30.20 -1.15 -21.48
N ARG A 337 29.77 -2.17 -22.19
CA ARG A 337 28.34 -2.39 -22.47
C ARG A 337 27.60 -2.61 -21.13
N GLN A 338 28.19 -3.36 -20.21
CA GLN A 338 27.54 -3.67 -18.91
C GLN A 338 27.55 -2.41 -18.05
N LYS A 339 28.61 -1.60 -18.14
CA LYS A 339 28.68 -0.36 -17.32
C LYS A 339 27.55 0.56 -17.78
N LYS A 340 27.26 0.58 -19.08
CA LYS A 340 26.26 1.52 -19.65
C LYS A 340 24.85 1.13 -19.18
N ILE A 341 24.53 -0.16 -19.23
CA ILE A 341 23.28 -0.72 -18.65
C ILE A 341 23.12 -0.21 -17.21
N LEU A 342 24.15 -0.34 -16.38
CA LEU A 342 24.15 0.08 -14.96
C LEU A 342 23.98 1.61 -14.86
N GLU A 343 24.70 2.38 -15.67
CA GLU A 343 24.61 3.88 -15.64
C GLU A 343 23.20 4.33 -16.00
N GLU A 344 22.62 3.74 -17.04
CA GLU A 344 21.27 4.14 -17.52
C GLU A 344 20.25 3.73 -16.46
N ALA A 345 20.44 2.59 -15.79
CA ALA A 345 19.56 2.18 -14.68
C ALA A 345 19.63 3.22 -13.56
N HIS A 346 20.84 3.63 -13.15
CA HIS A 346 21.01 4.71 -12.13
C HIS A 346 20.22 5.95 -12.56
N GLU A 347 20.35 6.36 -13.83
CA GLU A 347 19.78 7.64 -14.33
C GLU A 347 18.26 7.64 -14.25
N LEU A 348 17.61 6.48 -14.16
CA LEU A 348 16.15 6.40 -13.85
C LEU A 348 15.85 7.26 -12.62
N SER A 349 16.76 7.33 -11.65
CA SER A 349 16.51 7.89 -10.28
C SER A 349 16.82 9.39 -10.24
N GLU A 350 17.61 9.90 -11.17
CA GLU A 350 18.06 11.31 -11.08
C GLU A 350 16.92 12.28 -11.35
N ASP A 351 17.09 13.51 -10.86
CA ASP A 351 16.08 14.58 -11.03
CA ASP A 351 16.08 14.58 -11.02
C ASP A 351 14.72 14.04 -10.56
N HIS A 352 14.65 13.55 -9.31
CA HIS A 352 13.38 13.11 -8.67
C HIS A 352 12.66 12.06 -9.56
N TYR A 353 13.40 11.12 -10.16
CA TYR A 353 12.87 9.93 -10.87
C TYR A 353 12.14 10.33 -12.16
N LYS A 354 12.61 11.40 -12.80
CA LYS A 354 12.00 11.92 -14.05
C LYS A 354 11.95 10.82 -15.10
N LYS A 355 13.11 10.22 -15.40
CA LYS A 355 13.22 9.20 -16.47
C LYS A 355 12.53 7.90 -16.05
N TYR A 356 12.56 7.53 -14.77
CA TYR A 356 11.78 6.35 -14.29
C TYR A 356 10.30 6.56 -14.63
N LEU A 357 9.74 7.72 -14.24
CA LEU A 357 8.30 8.06 -14.45
C LEU A 357 7.95 8.06 -15.95
N ALA A 358 8.75 8.70 -16.83
CA ALA A 358 8.51 8.69 -18.29
C ALA A 358 8.44 7.24 -18.78
N LYS A 359 9.36 6.41 -18.30
CA LYS A 359 9.50 4.99 -18.69
C LYS A 359 8.28 4.19 -18.23
N LEU A 360 7.85 4.40 -16.99
CA LEU A 360 6.70 3.66 -16.39
C LEU A 360 5.44 3.91 -17.23
N ARG A 361 5.22 5.17 -17.62
CA ARG A 361 4.01 5.63 -18.36
C ARG A 361 4.10 5.25 -19.84
N SER A 362 5.26 4.81 -20.32
CA SER A 362 5.49 4.53 -21.76
C SER A 362 5.33 3.03 -22.04
N ILE A 363 5.51 2.17 -21.04
CA ILE A 363 5.48 0.68 -21.21
C ILE A 363 4.05 0.19 -21.13
N ASN A 364 3.81 -1.05 -21.58
CA ASN A 364 2.51 -1.76 -21.46
C ASN A 364 2.62 -2.84 -20.38
N PRO A 365 1.52 -3.13 -19.65
CA PRO A 365 1.53 -4.24 -18.69
C PRO A 365 2.15 -5.49 -19.27
N PRO A 366 2.55 -6.49 -18.45
CA PRO A 366 2.71 -6.32 -17.01
C PRO A 366 4.00 -5.58 -16.59
N CYS A 367 4.02 -5.05 -15.37
CA CYS A 367 5.21 -4.38 -14.77
C CYS A 367 5.15 -4.58 -13.25
N VAL A 368 6.26 -4.31 -12.57
CA VAL A 368 6.31 -4.09 -11.10
C VAL A 368 6.94 -2.71 -10.90
N PRO A 369 6.14 -1.71 -10.51
CA PRO A 369 6.69 -0.39 -10.23
C PRO A 369 7.71 -0.46 -9.08
N PHE A 370 8.65 0.47 -9.10
CA PHE A 370 9.57 0.74 -7.97
C PHE A 370 8.71 1.26 -6.81
N PHE A 371 8.70 0.51 -5.72
CA PHE A 371 7.85 0.73 -4.55
C PHE A 371 8.41 1.84 -3.66
N GLY A 372 9.73 1.94 -3.54
CA GLY A 372 10.44 2.87 -2.66
C GLY A 372 10.05 4.32 -2.89
N ILE A 373 9.74 4.72 -4.13
CA ILE A 373 9.40 6.13 -4.44
C ILE A 373 8.09 6.53 -3.75
N TYR A 374 7.13 5.62 -3.61
CA TYR A 374 5.82 5.88 -2.97
C TYR A 374 6.06 6.07 -1.48
N LEU A 375 6.89 5.21 -0.88
CA LEU A 375 7.21 5.27 0.57
C LEU A 375 7.89 6.61 0.90
N THR A 376 8.91 6.97 0.12
CA THR A 376 9.62 8.27 0.21
C THR A 376 8.58 9.40 0.22
N ASN A 377 7.66 9.43 -0.75
CA ASN A 377 6.76 10.58 -0.95
C ASN A 377 5.60 10.58 0.04
N ILE A 378 5.22 9.42 0.56
CA ILE A 378 4.23 9.38 1.67
C ILE A 378 4.91 9.94 2.93
N LEU A 379 6.14 9.51 3.22
CA LEU A 379 6.90 9.99 4.40
C LEU A 379 7.04 11.51 4.33
N LYS A 380 7.39 12.07 3.18
CA LYS A 380 7.54 13.55 3.08
C LYS A 380 6.18 14.21 3.37
N THR A 381 5.07 13.65 2.86
CA THR A 381 3.71 14.15 3.17
C THR A 381 3.41 14.05 4.69
N GLU A 382 3.76 12.94 5.34
CA GLU A 382 3.46 12.71 6.78
C GLU A 382 4.23 13.72 7.64
N GLU A 383 5.50 13.96 7.31
CA GLU A 383 6.43 14.79 8.11
C GLU A 383 6.25 16.29 7.79
N GLY A 384 5.80 16.62 6.57
CA GLY A 384 5.73 18.02 6.10
C GLY A 384 4.37 18.68 6.34
N ASN A 385 3.34 17.93 6.75
CA ASN A 385 1.96 18.45 6.97
C ASN A 385 1.54 18.16 8.41
N PRO A 386 0.81 19.06 9.06
CA PRO A 386 0.34 18.83 10.43
C PRO A 386 -0.86 17.87 10.49
N GLU A 387 -0.89 17.10 11.58
CA GLU A 387 -1.93 16.12 11.92
C GLU A 387 -3.27 16.86 12.05
N VAL A 388 -3.26 18.07 12.63
CA VAL A 388 -4.49 18.87 12.92
C VAL A 388 -4.26 20.31 12.46
N LEU A 389 -5.33 21.00 12.05
CA LEU A 389 -5.38 22.47 11.82
C LEU A 389 -6.11 23.14 12.99
N LYS A 390 -5.75 24.39 13.31
CA LYS A 390 -6.41 25.22 14.36
C LYS A 390 -7.24 26.30 13.68
N ARG A 391 -8.52 26.36 14.05
CA ARG A 391 -9.43 27.50 13.75
C ARG A 391 -10.11 27.88 15.06
N HIS A 392 -10.18 29.20 15.34
CA HIS A 392 -10.85 29.86 16.50
C HIS A 392 -10.58 29.09 17.80
N GLY A 393 -9.36 28.55 17.97
CA GLY A 393 -8.91 27.85 19.19
C GLY A 393 -9.12 26.34 19.14
N LYS A 394 -9.85 25.84 18.15
CA LYS A 394 -10.26 24.41 18.15
C LYS A 394 -9.32 23.63 17.22
N GLU A 395 -9.17 22.33 17.48
CA GLU A 395 -8.35 21.42 16.64
C GLU A 395 -9.27 20.61 15.71
N LEU A 396 -8.94 20.65 14.44
CA LEU A 396 -9.67 20.01 13.32
C LEU A 396 -8.72 18.99 12.68
N ILE A 397 -9.18 17.76 12.47
CA ILE A 397 -8.35 16.71 11.83
C ILE A 397 -8.00 17.19 10.42
N ASN A 398 -6.72 17.15 10.06
CA ASN A 398 -6.25 17.62 8.74
C ASN A 398 -6.58 16.55 7.71
N PHE A 399 -7.72 16.65 7.06
CA PHE A 399 -8.18 15.63 6.09
C PHE A 399 -7.43 15.76 4.75
N SER A 400 -7.20 16.98 4.27
CA SER A 400 -6.40 17.22 3.03
C SER A 400 -5.08 16.43 3.10
N LYS A 401 -4.43 16.39 4.26
CA LYS A 401 -3.18 15.62 4.47
C LYS A 401 -3.43 14.15 4.15
N ARG A 402 -4.51 13.57 4.67
CA ARG A 402 -4.86 12.15 4.43
C ARG A 402 -5.19 11.98 2.95
N ARG A 403 -5.93 12.92 2.35
CA ARG A 403 -6.29 12.84 0.92
C ARG A 403 -4.98 12.76 0.12
N LYS A 404 -4.02 13.61 0.44
CA LYS A 404 -2.76 13.61 -0.35
C LYS A 404 -2.11 12.23 -0.21
N VAL A 405 -2.07 11.65 0.99
CA VAL A 405 -1.43 10.33 1.17
C VAL A 405 -2.20 9.31 0.31
N ALA A 406 -3.55 9.33 0.35
CA ALA A 406 -4.45 8.38 -0.35
C ALA A 406 -4.26 8.46 -1.87
N GLU A 407 -4.05 9.66 -2.42
CA GLU A 407 -3.76 9.83 -3.87
C GLU A 407 -2.47 9.07 -4.20
N ILE A 408 -1.46 9.08 -3.33
CA ILE A 408 -0.22 8.34 -3.67
C ILE A 408 -0.51 6.84 -3.64
N THR A 409 -1.28 6.36 -2.66
CA THR A 409 -1.67 4.92 -2.58
C THR A 409 -2.61 4.58 -3.76
N GLY A 410 -3.40 5.54 -4.23
CA GLY A 410 -4.12 5.46 -5.50
C GLY A 410 -3.21 5.13 -6.66
N GLU A 411 -2.02 5.73 -6.72
CA GLU A 411 -1.07 5.47 -7.83
C GLU A 411 -0.56 4.02 -7.76
N ILE A 412 -0.29 3.53 -6.55
CA ILE A 412 0.15 2.13 -6.30
C ILE A 412 -0.88 1.16 -6.89
N GLN A 413 -2.18 1.43 -6.67
CA GLN A 413 -3.28 0.48 -6.96
C GLN A 413 -3.43 0.32 -8.48
N GLN A 414 -3.26 1.41 -9.23
CA GLN A 414 -3.29 1.46 -10.71
C GLN A 414 -2.59 0.25 -11.33
N TYR A 415 -1.56 -0.31 -10.67
CA TYR A 415 -0.65 -1.32 -11.29
C TYR A 415 -0.78 -2.69 -10.62
N GLN A 416 -1.73 -2.90 -9.71
CA GLN A 416 -1.82 -4.16 -8.91
C GLN A 416 -2.60 -5.25 -9.65
N ASN A 417 -3.13 -5.01 -10.86
CA ASN A 417 -3.80 -6.09 -11.64
C ASN A 417 -3.02 -6.31 -12.92
N GLN A 418 -1.91 -7.04 -12.83
CA GLN A 418 -0.95 -7.24 -13.94
C GLN A 418 -0.17 -8.53 -13.69
N PRO A 419 -0.83 -9.71 -13.77
CA PRO A 419 -0.13 -10.99 -13.59
C PRO A 419 0.86 -11.23 -14.74
N TYR A 420 1.97 -11.92 -14.42
CA TYR A 420 3.04 -12.25 -15.39
C TYR A 420 2.71 -13.62 -16.00
N CYS A 421 2.84 -13.74 -17.34
CA CYS A 421 2.82 -15.04 -18.05
C CYS A 421 4.17 -15.77 -17.90
N LEU A 422 4.42 -16.37 -16.73
CA LEU A 422 5.71 -16.99 -16.38
C LEU A 422 5.43 -18.13 -15.43
N ARG A 423 6.04 -19.29 -15.64
CA ARG A 423 5.78 -20.41 -14.70
C ARG A 423 6.57 -20.08 -13.45
N VAL A 424 5.94 -20.29 -12.29
CA VAL A 424 6.60 -20.43 -10.98
C VAL A 424 7.58 -21.60 -11.03
N GLU A 425 8.64 -21.57 -10.23
CA GLU A 425 9.47 -22.75 -9.83
C GLU A 425 9.60 -22.72 -8.29
N SER A 426 9.07 -23.73 -7.61
CA SER A 426 8.76 -23.69 -6.15
C SER A 426 10.03 -23.64 -5.32
N ASP A 427 11.07 -24.35 -5.78
CA ASP A 427 12.34 -24.52 -5.02
C ASP A 427 13.10 -23.19 -5.06
N ILE A 428 12.99 -22.48 -6.19
CA ILE A 428 13.71 -21.19 -6.45
C ILE A 428 12.97 -20.10 -5.66
N LYS A 429 11.66 -19.99 -5.83
CA LYS A 429 10.73 -19.20 -4.99
C LYS A 429 11.14 -19.36 -3.53
N ARG A 430 11.17 -20.60 -3.03
CA ARG A 430 11.60 -20.91 -1.63
C ARG A 430 12.99 -20.32 -1.38
N PHE A 431 13.91 -20.48 -2.34
CA PHE A 431 15.34 -20.08 -2.18
C PHE A 431 15.42 -18.56 -1.95
N PHE A 432 14.66 -17.81 -2.74
CA PHE A 432 14.56 -16.33 -2.64
C PHE A 432 13.61 -15.89 -1.52
N GLU A 433 12.59 -16.66 -1.17
CA GLU A 433 11.76 -16.35 0.02
C GLU A 433 12.61 -16.49 1.29
N ASN A 434 13.69 -17.29 1.26
CA ASN A 434 14.47 -17.68 2.48
C ASN A 434 15.81 -16.93 2.59
N LEU A 435 16.04 -15.91 1.76
CA LEU A 435 17.24 -15.04 1.86
C LEU A 435 17.35 -14.45 3.26
N ASN A 436 18.50 -14.59 3.89
CA ASN A 436 18.76 -14.07 5.26
C ASN A 436 20.23 -13.68 5.29
N PRO A 437 20.67 -12.73 4.44
CA PRO A 437 22.09 -12.41 4.36
C PRO A 437 22.59 -11.92 5.72
N MET A 438 21.75 -11.21 6.47
CA MET A 438 22.14 -10.59 7.77
C MET A 438 22.40 -11.67 8.84
N GLY A 439 22.01 -12.93 8.63
CA GLY A 439 22.17 -14.02 9.62
C GLY A 439 21.35 -13.75 10.88
N ASN A 440 21.98 -13.83 12.07
CA ASN A 440 21.39 -13.34 13.35
C ASN A 440 22.04 -12.00 13.71
N SER A 441 22.61 -11.28 12.75
CA SER A 441 23.16 -9.91 12.95
C SER A 441 22.05 -8.91 12.64
N MET A 442 22.14 -7.73 13.25
CA MET A 442 21.20 -6.61 13.00
C MET A 442 21.78 -5.82 11.81
N GLU A 443 21.01 -4.90 11.23
CA GLU A 443 21.29 -4.28 9.91
C GLU A 443 22.59 -3.45 9.93
N LYS A 444 22.88 -2.72 11.02
CA LYS A 444 24.08 -1.83 11.06
C LYS A 444 25.33 -2.68 11.27
N GLU A 445 25.24 -3.75 12.06
CA GLU A 445 26.35 -4.72 12.22
C GLU A 445 26.68 -5.34 10.86
N PHE A 446 25.68 -5.52 10.00
CA PHE A 446 25.92 -6.26 8.74
C PHE A 446 26.58 -5.33 7.72
N THR A 447 26.07 -4.09 7.60
CA THR A 447 26.50 -3.08 6.61
C THR A 447 27.93 -2.66 7.00
N ASP A 448 28.20 -2.55 8.30
CA ASP A 448 29.55 -2.21 8.84
C ASP A 448 30.53 -3.30 8.45
N TYR A 449 30.12 -4.56 8.58
CA TYR A 449 30.94 -5.71 8.21
C TYR A 449 31.15 -5.75 6.69
N LEU A 450 30.14 -5.34 5.91
CA LEU A 450 30.23 -5.40 4.43
C LEU A 450 31.28 -4.36 3.99
N PHE A 451 31.19 -3.12 4.51
CA PHE A 451 32.17 -2.03 4.28
C PHE A 451 33.58 -2.50 4.66
N ASN A 452 33.73 -3.16 5.81
CA ASN A 452 35.04 -3.64 6.30
C ASN A 452 35.52 -4.79 5.42
N LYS A 453 34.63 -5.60 4.85
CA LYS A 453 35.10 -6.65 3.90
C LYS A 453 35.58 -5.95 2.64
N SER A 454 34.85 -4.96 2.17
CA SER A 454 35.21 -4.15 0.99
C SER A 454 36.66 -3.64 1.12
N LEU A 455 36.98 -2.93 2.21
CA LEU A 455 38.34 -2.42 2.55
C LEU A 455 39.37 -3.55 2.47
N GLU A 456 39.03 -4.73 2.95
CA GLU A 456 39.96 -5.89 2.92
C GLU A 456 40.22 -6.32 1.46
N ILE A 457 39.18 -6.45 0.64
CA ILE A 457 39.31 -7.08 -0.71
C ILE A 457 39.95 -6.08 -1.68
N GLU A 458 39.74 -4.78 -1.43
CA GLU A 458 40.28 -3.62 -2.19
C GLU A 458 40.64 -2.51 -1.23
N PRO A 459 41.87 -2.51 -0.65
CA PRO A 459 42.27 -1.48 0.30
C PRO A 459 42.38 -0.06 -0.29
N ARG A 460 42.31 0.95 0.58
CA ARG A 460 42.36 2.39 0.19
C ARG A 460 43.75 2.73 -0.36
N ASN A 461 43.80 3.79 -1.18
CA ASN A 461 44.76 4.03 -2.30
C ASN A 461 46.17 3.60 -1.90
N PRO A 462 46.86 4.28 -0.96
CA PRO A 462 48.30 4.08 -0.79
C PRO A 462 48.69 2.59 -0.76
N LYS A 463 47.94 1.74 -0.08
CA LYS A 463 48.24 0.29 0.06
C LYS A 463 47.92 -0.41 -1.26
N PRO A 464 48.78 -1.34 -1.76
CA PRO A 464 48.50 -2.06 -3.02
C PRO A 464 47.55 -3.23 -2.82
N LEU A 465 47.22 -3.92 -3.92
CA LEU A 465 46.06 -4.86 -4.03
C LEU A 465 46.52 -6.31 -3.86
N PRO A 466 46.21 -6.95 -2.71
CA PRO A 466 46.58 -8.34 -2.50
C PRO A 466 45.81 -9.27 -3.45
N ARG A 467 46.26 -10.50 -3.57
CA ARG A 467 45.53 -11.58 -4.27
C ARG A 467 44.86 -12.44 -3.21
N PHE A 468 43.82 -13.15 -3.63
CA PHE A 468 42.95 -13.97 -2.79
C PHE A 468 42.62 -15.21 -3.61
N PRO A 469 42.49 -16.39 -2.96
CA PRO A 469 42.25 -17.63 -3.69
C PRO A 469 40.80 -17.71 -4.22
N LYS A 470 40.61 -18.55 -5.23
CA LYS A 470 39.29 -18.83 -5.82
C LYS A 470 38.47 -19.58 -4.78
N LYS A 471 37.18 -19.28 -4.68
CA LYS A 471 36.21 -19.97 -3.79
C LYS A 471 35.27 -20.85 -4.63
N TYR A 472 35.05 -20.52 -5.90
CA TYR A 472 34.08 -21.22 -6.77
C TYR A 472 34.85 -22.25 -7.59
N SER A 473 34.39 -23.50 -7.53
CA SER A 473 35.00 -24.67 -8.20
C SER A 473 34.08 -25.14 -9.33
N TYR A 474 33.31 -24.23 -9.94
CA TYR A 474 32.50 -24.51 -11.16
C TYR A 474 32.77 -23.40 -12.18
N PRO A 475 32.47 -23.61 -13.48
CA PRO A 475 32.67 -22.57 -14.50
C PRO A 475 31.88 -21.28 -14.19
N LEU A 476 32.56 -20.13 -14.24
CA LEU A 476 31.99 -18.78 -13.97
C LEU A 476 31.45 -18.10 -15.24
N LYS A 477 31.65 -18.69 -16.42
CA LYS A 477 31.09 -18.11 -17.67
C LYS A 477 29.58 -18.22 -17.61
N SER A 478 28.90 -17.14 -17.99
CA SER A 478 27.44 -16.99 -17.91
C SER A 478 26.81 -17.60 -19.15
N PRO A 479 25.64 -18.24 -19.01
CA PRO A 479 24.86 -18.70 -20.15
C PRO A 479 24.23 -17.54 -20.94
N GLY A 480 24.36 -16.30 -20.46
CA GLY A 480 23.77 -15.13 -21.15
C GLY A 480 22.29 -15.03 -20.83
N VAL A 481 21.58 -14.12 -21.49
CA VAL A 481 20.18 -13.73 -21.14
C VAL A 481 19.27 -13.77 -22.37
N ARG A 482 19.69 -14.46 -23.44
CA ARG A 482 18.76 -14.86 -24.53
C ARG A 482 18.10 -16.13 -24.02
N PRO A 483 16.76 -16.22 -24.06
CA PRO A 483 16.05 -17.39 -23.54
C PRO A 483 16.32 -18.58 -24.48
N SER A 484 16.42 -18.32 -25.79
CA SER A 484 16.64 -19.27 -26.91
C SER A 484 15.75 -20.53 -26.77
N ASN A 485 15.22 -21.00 -27.90
CA ASN A 485 14.12 -22.00 -27.98
C ASN A 485 14.69 -23.42 -27.99
#